data_9LD3
#
_entry.id   9LD3
#
_cell.length_a   71.647
_cell.length_b   87.862
_cell.length_c   65.528
_cell.angle_alpha   90.00
_cell.angle_beta   90.00
_cell.angle_gamma   90.00
#
_symmetry.space_group_name_H-M   'P 21 21 2'
#
loop_
_entity.id
_entity.type
_entity.pdbx_description
1 polymer "Probable RNA 2'-phosphotransferase"
2 non-polymer GLYCEROL
3 non-polymer '[(2R,3S,4R,5R)-5-(6-AMINOPURIN-9-YL)-3,4-DIHYDROXY-OXOLAN-2-YL]METHYL[HYDROXY-[[(2R,3S,4R,5S)-3,4,5-TRIHYDROXYOXOLAN-2-YL]METHOXY]PHOSPHORYL] HYDROGEN PHOSPHATE'
4 non-polymer '[(2~{R},3~{R},4~{R},5~{R})-5-(6-aminopurin-9-yl)-3,4-diphosphonooxy-oxolan-2-yl]methyl dihydrogen phosphate'
5 water water
#
_entity_poly.entity_id   1
_entity_poly.type   'polypeptide(L)'
_entity_poly.pdbx_seq_one_letter_code
;MKPERKRVSKLMAYILRHSPEEFGLRPDVEGFVSLNELVNALKTVYPEVTEEFVREIVENDPAGRYEIRGDRIRARYGHS
FPVSLDHEEDTESRFLYHGTPRRNLPSILKEGLKPMKRQYVHVSTDKIEALETGRRHGREVVLLVIDAECLRKRGFKIYK
AGKNVRIVERVPPDCITLAV
;
_entity_poly.pdbx_strand_id   A,B
#
loop_
_chem_comp.id
_chem_comp.type
_chem_comp.name
_chem_comp.formula
A1EJC non-polymer '[(2~{R},3~{R},4~{R},5~{R})-5-(6-aminopurin-9-yl)-3,4-diphosphonooxy-oxolan-2-yl]methyl dihydrogen phosphate' 'C10 H16 N5 O13 P3'
AR6 non-polymer '[(2R,3S,4R,5R)-5-(6-AMINOPURIN-9-YL)-3,4-DIHYDROXY-OXOLAN-2-YL]METHYL[HYDROXY-[[(2R,3S,4R,5S)-3,4,5-TRIHYDROXYOXOLAN-2-YL]METHOXY]PHOSPHORYL] HYDROGEN PHOSPHATE' 'C15 H23 N5 O14 P2'
GOL non-polymer GLYCEROL 'C3 H8 O3'
#
# COMPACT_ATOMS: atom_id res chain seq x y z
N LYS A 2 -10.04 -14.36 -0.60
CA LYS A 2 -8.90 -14.76 -1.40
C LYS A 2 -8.06 -13.53 -1.78
N PRO A 3 -6.75 -13.70 -1.92
CA PRO A 3 -5.86 -12.53 -2.14
C PRO A 3 -6.14 -11.75 -3.42
N GLU A 4 -6.67 -12.39 -4.47
CA GLU A 4 -7.00 -11.63 -5.67
C GLU A 4 -8.15 -10.67 -5.41
N ARG A 5 -9.25 -11.18 -4.89
CA ARG A 5 -10.36 -10.33 -4.48
C ARG A 5 -9.90 -9.23 -3.51
N LYS A 6 -9.08 -9.58 -2.53
CA LYS A 6 -8.67 -8.60 -1.52
C LYS A 6 -7.82 -7.50 -2.12
N ARG A 7 -6.85 -7.85 -2.97
CA ARG A 7 -5.95 -6.80 -3.44
C ARG A 7 -6.65 -5.88 -4.43
N VAL A 8 -7.62 -6.38 -5.21
CA VAL A 8 -8.34 -5.49 -6.11
C VAL A 8 -9.29 -4.59 -5.33
N SER A 9 -9.93 -5.14 -4.30
CA SER A 9 -10.80 -4.34 -3.43
C SER A 9 -10.03 -3.25 -2.71
N LYS A 10 -8.87 -3.59 -2.13
CA LYS A 10 -8.06 -2.54 -1.49
C LYS A 10 -7.74 -1.42 -2.45
N LEU A 11 -7.44 -1.75 -3.71
CA LEU A 11 -7.15 -0.69 -4.66
C LEU A 11 -8.42 0.10 -5.02
N MET A 12 -9.56 -0.59 -5.15
CA MET A 12 -10.81 0.13 -5.39
C MET A 12 -11.09 1.14 -4.28
N ALA A 13 -10.94 0.71 -3.01
CA ALA A 13 -11.23 1.62 -1.91
C ALA A 13 -10.30 2.82 -1.94
N TYR A 14 -9.03 2.59 -2.25
CA TYR A 14 -8.09 3.70 -2.32
C TYR A 14 -8.45 4.67 -3.45
N ILE A 15 -8.73 4.14 -4.64
CA ILE A 15 -9.09 5.02 -5.76
C ILE A 15 -10.37 5.79 -5.45
N LEU A 16 -11.38 5.10 -4.93
CA LEU A 16 -12.70 5.72 -4.78
C LEU A 16 -12.80 6.60 -3.56
N ARG A 17 -11.96 6.39 -2.54
CA ARG A 17 -12.00 7.24 -1.35
C ARG A 17 -10.99 8.36 -1.35
N HIS A 18 -9.84 8.18 -1.99
CA HIS A 18 -8.71 9.07 -1.71
C HIS A 18 -8.14 9.73 -2.96
N SER A 19 -7.84 9.00 -4.03
CA SER A 19 -7.14 9.61 -5.16
C SER A 19 -7.75 9.26 -6.51
N PRO A 20 -9.06 9.51 -6.70
CA PRO A 20 -9.63 9.23 -8.03
C PRO A 20 -8.98 10.09 -9.10
N GLU A 21 -8.73 11.36 -8.79
CA GLU A 21 -8.23 12.27 -9.80
C GLU A 21 -6.82 11.88 -10.25
N GLU A 22 -6.02 11.28 -9.37
CA GLU A 22 -4.71 10.82 -9.79
C GLU A 22 -4.78 9.58 -10.67
N PHE A 23 -5.97 8.97 -10.83
CA PHE A 23 -6.17 7.93 -11.85
C PHE A 23 -6.98 8.45 -13.03
N GLY A 24 -7.16 9.76 -13.15
CA GLY A 24 -7.90 10.33 -14.27
C GLY A 24 -9.40 10.37 -14.11
N LEU A 25 -9.94 9.96 -12.97
CA LEU A 25 -11.38 9.89 -12.75
C LEU A 25 -11.89 11.20 -12.15
N ARG A 26 -13.09 11.60 -12.50
CA ARG A 26 -13.69 12.76 -11.83
C ARG A 26 -14.97 12.32 -11.15
N PRO A 27 -14.95 12.12 -9.84
CA PRO A 27 -16.20 11.75 -9.15
C PRO A 27 -17.25 12.83 -9.30
N ASP A 28 -18.51 12.39 -9.39
CA ASP A 28 -19.57 13.38 -9.39
C ASP A 28 -19.80 13.85 -7.95
N VAL A 29 -20.80 14.71 -7.77
CA VAL A 29 -21.08 15.28 -6.45
C VAL A 29 -21.26 14.18 -5.41
N GLU A 30 -21.86 13.06 -5.82
CA GLU A 30 -22.17 11.97 -4.91
C GLU A 30 -21.04 10.98 -4.77
N GLY A 31 -19.87 11.28 -5.35
CA GLY A 31 -18.71 10.44 -5.24
C GLY A 31 -18.64 9.30 -6.24
N PHE A 32 -19.59 9.20 -7.15
CA PHE A 32 -19.58 8.14 -8.16
C PHE A 32 -18.62 8.46 -9.31
N VAL A 33 -17.90 7.44 -9.75
CA VAL A 33 -17.13 7.49 -10.99
C VAL A 33 -17.73 6.49 -11.95
N SER A 34 -17.37 6.63 -13.22
CA SER A 34 -17.79 5.65 -14.20
C SER A 34 -17.20 4.27 -13.89
N LEU A 35 -18.05 3.24 -13.96
CA LEU A 35 -17.56 1.89 -13.68
C LEU A 35 -16.52 1.46 -14.71
N ASN A 36 -16.80 1.69 -16.00
CA ASN A 36 -15.80 1.43 -17.06
C ASN A 36 -14.49 2.13 -16.76
N GLU A 37 -14.55 3.38 -16.34
CA GLU A 37 -13.34 4.14 -16.09
C GLU A 37 -12.59 3.59 -14.88
N LEU A 38 -13.33 3.20 -13.82
CA LEU A 38 -12.68 2.54 -12.70
C LEU A 38 -11.98 1.27 -13.14
N VAL A 39 -12.65 0.48 -13.98
CA VAL A 39 -12.05 -0.78 -14.44
C VAL A 39 -10.74 -0.53 -15.17
N ASN A 40 -10.73 0.43 -16.09
CA ASN A 40 -9.48 0.76 -16.78
C ASN A 40 -8.41 1.23 -15.79
N ALA A 41 -8.79 2.04 -14.80
CA ALA A 41 -7.81 2.46 -13.80
C ALA A 41 -7.23 1.26 -13.05
N LEU A 42 -8.09 0.34 -12.62
CA LEU A 42 -7.62 -0.85 -11.91
C LEU A 42 -6.71 -1.67 -12.80
N LYS A 43 -7.01 -1.72 -14.10
CA LYS A 43 -6.19 -2.51 -15.01
C LYS A 43 -4.81 -1.91 -15.22
N THR A 44 -4.60 -0.62 -14.90
CA THR A 44 -3.24 -0.09 -14.96
C THR A 44 -2.34 -0.72 -13.91
N VAL A 45 -2.93 -1.36 -12.91
CA VAL A 45 -2.22 -2.04 -11.84
C VAL A 45 -2.36 -3.55 -11.94
N TYR A 46 -3.58 -4.04 -12.16
CA TYR A 46 -3.90 -5.46 -12.18
C TYR A 46 -4.60 -5.74 -13.50
N PRO A 47 -3.84 -6.06 -14.55
CA PRO A 47 -4.43 -6.11 -15.89
C PRO A 47 -5.51 -7.16 -16.07
N GLU A 48 -5.59 -8.15 -15.18
CA GLU A 48 -6.59 -9.21 -15.24
C GLU A 48 -7.98 -8.79 -14.81
N VAL A 49 -8.13 -7.59 -14.22
CA VAL A 49 -9.41 -7.17 -13.69
C VAL A 49 -10.41 -6.94 -14.82
N THR A 50 -11.66 -7.33 -14.60
CA THR A 50 -12.74 -7.08 -15.53
C THR A 50 -13.87 -6.36 -14.81
N GLU A 51 -14.75 -5.73 -15.58
CA GLU A 51 -15.93 -5.15 -14.96
C GLU A 51 -16.71 -6.20 -14.19
N GLU A 52 -16.81 -7.41 -14.73
CA GLU A 52 -17.62 -8.43 -14.05
C GLU A 52 -17.03 -8.74 -12.69
N PHE A 53 -15.70 -8.75 -12.57
CA PHE A 53 -15.05 -9.00 -11.28
C PHE A 53 -15.31 -7.86 -10.31
N VAL A 54 -15.23 -6.62 -10.79
CA VAL A 54 -15.55 -5.49 -9.92
C VAL A 54 -16.98 -5.60 -9.41
N ARG A 55 -17.91 -5.98 -10.29
CA ARG A 55 -19.30 -6.14 -9.85
C ARG A 55 -19.39 -7.21 -8.77
N GLU A 56 -18.65 -8.31 -8.93
CA GLU A 56 -18.63 -9.35 -7.92
C GLU A 56 -18.06 -8.86 -6.60
N ILE A 57 -16.97 -8.09 -6.63
CA ILE A 57 -16.42 -7.53 -5.39
C ILE A 57 -17.46 -6.68 -4.69
N VAL A 58 -18.13 -5.80 -5.44
CA VAL A 58 -19.12 -4.91 -4.84
C VAL A 58 -20.23 -5.70 -4.16
N GLU A 59 -20.80 -6.67 -4.88
CA GLU A 59 -21.96 -7.36 -4.33
C GLU A 59 -21.57 -8.20 -3.11
N ASN A 60 -20.38 -8.78 -3.14
CA ASN A 60 -19.94 -9.68 -2.08
C ASN A 60 -19.17 -8.99 -0.96
N ASP A 61 -19.02 -7.67 -1.00
CA ASP A 61 -18.19 -7.03 0.03
C ASP A 61 -18.86 -7.20 1.40
N PRO A 62 -18.16 -7.74 2.40
CA PRO A 62 -18.83 -8.02 3.68
C PRO A 62 -19.08 -6.80 4.54
N ALA A 63 -18.43 -5.67 4.26
CA ALA A 63 -18.63 -4.47 5.05
C ALA A 63 -19.60 -3.48 4.42
N GLY A 64 -20.00 -3.70 3.17
CA GLY A 64 -20.84 -2.73 2.49
C GLY A 64 -20.05 -1.55 1.98
N ARG A 65 -18.81 -1.78 1.52
CA ARG A 65 -17.91 -0.66 1.24
C ARG A 65 -18.32 0.14 0.03
N TYR A 66 -18.99 -0.49 -0.93
CA TYR A 66 -19.19 0.09 -2.25
C TYR A 66 -20.66 0.15 -2.61
N GLU A 67 -20.95 0.96 -3.63
CA GLU A 67 -22.28 0.98 -4.19
C GLU A 67 -22.18 1.17 -5.69
N ILE A 68 -22.86 0.32 -6.44
CA ILE A 68 -23.00 0.51 -7.89
C ILE A 68 -24.39 1.03 -8.13
N ARG A 69 -24.49 2.10 -8.91
CA ARG A 69 -25.79 2.63 -9.31
C ARG A 69 -25.70 2.87 -10.81
N GLY A 70 -26.50 2.13 -11.58
CA GLY A 70 -26.41 2.20 -13.04
C GLY A 70 -25.03 1.77 -13.49
N ASP A 71 -24.38 2.63 -14.28
CA ASP A 71 -23.02 2.36 -14.73
C ASP A 71 -21.97 3.16 -13.96
N ARG A 72 -22.27 3.54 -12.73
CA ARG A 72 -21.32 4.28 -11.91
C ARG A 72 -21.12 3.56 -10.58
N ILE A 73 -20.00 3.87 -9.92
CA ILE A 73 -19.63 3.17 -8.69
C ILE A 73 -19.02 4.19 -7.73
N ARG A 74 -19.29 4.02 -6.44
CA ARG A 74 -18.68 4.86 -5.42
C ARG A 74 -18.29 4.02 -4.23
N ALA A 75 -17.36 4.55 -3.43
CA ALA A 75 -17.21 4.08 -2.06
C ALA A 75 -18.31 4.71 -1.23
N ARG A 76 -18.84 3.95 -0.27
CA ARG A 76 -19.94 4.45 0.56
C ARG A 76 -19.47 5.27 1.76
N TYR A 77 -18.20 5.22 2.12
CA TYR A 77 -17.67 6.00 3.22
C TYR A 77 -16.14 6.03 3.10
N GLY A 78 -15.51 6.70 4.04
CA GLY A 78 -14.06 6.72 4.13
C GLY A 78 -13.39 7.81 3.31
N HIS A 79 -14.16 8.62 2.59
CA HIS A 79 -13.55 9.56 1.64
C HIS A 79 -12.73 10.61 2.36
N SER A 80 -11.68 11.05 1.67
CA SER A 80 -10.91 12.21 2.12
C SER A 80 -11.11 13.40 1.18
N PHE A 81 -12.22 13.42 0.46
CA PHE A 81 -12.70 14.57 -0.31
C PHE A 81 -14.21 14.66 -0.12
N PRO A 82 -14.80 15.84 -0.24
CA PRO A 82 -16.24 15.98 0.04
C PRO A 82 -17.12 15.28 -1.00
N VAL A 83 -18.12 14.55 -0.51
CA VAL A 83 -19.12 13.90 -1.35
C VAL A 83 -20.46 14.08 -0.66
N SER A 84 -21.54 14.08 -1.45
CA SER A 84 -22.88 13.97 -0.87
C SER A 84 -23.25 12.49 -0.83
N LEU A 85 -23.44 11.95 0.37
CA LEU A 85 -23.79 10.56 0.53
C LEU A 85 -25.28 10.38 0.78
N ASP A 86 -25.73 9.13 0.76
CA ASP A 86 -27.08 8.81 1.17
C ASP A 86 -27.31 9.21 2.61
N HIS A 87 -28.49 9.73 2.88
CA HIS A 87 -28.86 10.14 4.23
C HIS A 87 -29.79 9.13 4.89
N GLU A 88 -29.60 7.84 4.60
CA GLU A 88 -30.25 6.78 5.35
C GLU A 88 -29.80 6.87 6.80
N GLU A 89 -30.73 7.21 7.67
CA GLU A 89 -30.40 7.67 9.00
C GLU A 89 -30.50 6.46 9.93
N ASP A 90 -29.47 6.27 10.76
CA ASP A 90 -29.51 5.24 11.79
C ASP A 90 -30.26 5.84 12.97
N THR A 91 -31.50 5.41 13.15
CA THR A 91 -32.33 5.86 14.26
C THR A 91 -32.43 4.82 15.37
N GLU A 92 -31.98 3.58 15.12
CA GLU A 92 -32.17 2.47 16.04
C GLU A 92 -31.02 2.29 17.03
N SER A 93 -29.77 2.46 16.59
CA SER A 93 -28.63 2.23 17.47
C SER A 93 -28.69 3.13 18.70
N ARG A 94 -28.47 2.55 19.87
CA ARG A 94 -28.40 3.34 21.10
C ARG A 94 -26.96 3.64 21.49
N PHE A 95 -26.02 2.75 21.18
CA PHE A 95 -24.60 3.05 21.36
C PHE A 95 -23.81 2.70 20.12
N LEU A 96 -22.73 3.43 19.92
CA LEU A 96 -21.83 3.21 18.79
C LEU A 96 -20.43 3.21 19.34
N TYR A 97 -19.47 2.75 18.54
CA TYR A 97 -18.14 2.49 19.02
C TYR A 97 -17.10 3.10 18.10
N HIS A 98 -16.00 3.52 18.70
CA HIS A 98 -14.87 4.05 17.95
C HIS A 98 -13.60 3.65 18.69
N GLY A 99 -12.71 2.92 18.03
CA GLY A 99 -11.43 2.58 18.62
C GLY A 99 -10.39 3.60 18.22
N THR A 100 -9.52 3.94 19.17
CA THR A 100 -8.47 4.92 18.92
C THR A 100 -7.28 4.64 19.83
N PRO A 101 -6.07 4.96 19.38
CA PRO A 101 -4.90 4.89 20.27
C PRO A 101 -5.16 5.66 21.56
N ARG A 102 -4.73 5.06 22.68
CA ARG A 102 -4.82 5.72 23.98
C ARG A 102 -4.19 7.11 23.96
N ARG A 103 -3.11 7.27 23.20
CA ARG A 103 -2.43 8.56 23.15
C ARG A 103 -3.33 9.71 22.68
N ASN A 104 -4.45 9.41 22.03
CA ASN A 104 -5.35 10.44 21.55
C ASN A 104 -6.37 10.90 22.58
N LEU A 105 -6.45 10.26 23.75
CA LEU A 105 -7.51 10.62 24.70
C LEU A 105 -7.43 12.05 25.20
N PRO A 106 -6.26 12.63 25.50
CA PRO A 106 -6.25 14.05 25.89
C PRO A 106 -6.97 14.94 24.87
N SER A 107 -6.74 14.77 23.56
CA SER A 107 -7.47 15.64 22.62
C SER A 107 -8.93 15.24 22.47
N ILE A 108 -9.19 13.93 22.35
CA ILE A 108 -10.55 13.51 22.05
C ILE A 108 -11.47 13.81 23.21
N LEU A 109 -10.99 13.62 24.43
CA LEU A 109 -11.91 13.85 25.54
C LEU A 109 -12.11 15.33 25.83
N LYS A 110 -11.23 16.20 25.34
CA LYS A 110 -11.49 17.63 25.40
C LYS A 110 -12.32 18.11 24.21
N GLU A 111 -11.95 17.68 22.99
CA GLU A 111 -12.48 18.25 21.75
C GLU A 111 -13.56 17.38 21.11
N GLY A 112 -13.68 16.12 21.52
CA GLY A 112 -14.55 15.19 20.85
C GLY A 112 -13.86 14.56 19.65
N LEU A 113 -14.56 13.59 19.04
CA LEU A 113 -14.06 13.01 17.81
C LEU A 113 -14.26 13.99 16.65
N LYS A 114 -13.25 14.10 15.80
CA LYS A 114 -13.25 15.02 14.68
C LYS A 114 -12.96 14.22 13.42
N PRO A 115 -13.40 14.69 12.26
CA PRO A 115 -13.22 13.87 11.05
C PRO A 115 -11.78 13.82 10.57
N MET A 116 -10.91 14.72 11.03
CA MET A 116 -9.48 14.67 10.71
C MET A 116 -9.35 14.85 9.20
N LYS A 117 -8.66 13.96 8.48
CA LYS A 117 -8.53 14.08 7.02
C LYS A 117 -9.73 13.54 6.26
N ARG A 118 -10.71 12.94 6.93
CA ARG A 118 -11.89 12.49 6.23
C ARG A 118 -12.99 13.54 6.29
N GLN A 119 -14.06 13.27 5.58
CA GLN A 119 -15.21 14.16 5.64
CA GLN A 119 -15.23 14.13 5.61
C GLN A 119 -16.06 13.90 6.87
N TYR A 120 -16.13 12.65 7.33
CA TYR A 120 -16.93 12.29 8.50
C TYR A 120 -16.10 11.57 9.54
N VAL A 121 -16.59 11.64 10.78
CA VAL A 121 -16.15 10.71 11.83
C VAL A 121 -16.81 9.37 11.55
N HIS A 122 -16.03 8.31 11.61
CA HIS A 122 -16.55 6.98 11.37
C HIS A 122 -16.63 6.22 12.67
N VAL A 123 -17.78 5.62 12.93
CA VAL A 123 -17.98 4.81 14.12
C VAL A 123 -18.58 3.49 13.66
N SER A 124 -18.79 2.58 14.61
CA SER A 124 -19.23 1.25 14.26
C SER A 124 -20.26 0.76 15.25
N THR A 125 -21.13 -0.14 14.78
CA THR A 125 -21.98 -0.87 15.70
C THR A 125 -21.26 -2.04 16.34
N ASP A 126 -20.03 -2.31 15.91
CA ASP A 126 -19.28 -3.52 16.27
C ASP A 126 -18.02 -3.13 17.04
N LYS A 127 -17.94 -3.57 18.30
CA LYS A 127 -16.79 -3.25 19.16
C LYS A 127 -15.48 -3.79 18.60
N ILE A 128 -15.45 -5.03 18.13
CA ILE A 128 -14.19 -5.61 17.67
C ILE A 128 -13.67 -4.84 16.48
N GLU A 129 -14.54 -4.58 15.51
CA GLU A 129 -14.10 -3.83 14.34
C GLU A 129 -13.65 -2.41 14.71
N ALA A 130 -14.33 -1.77 15.66
CA ALA A 130 -13.87 -0.47 16.14
C ALA A 130 -12.45 -0.57 16.69
N LEU A 131 -12.20 -1.56 17.54
CA LEU A 131 -10.88 -1.73 18.14
C LEU A 131 -9.84 -2.06 17.08
N GLU A 132 -10.21 -2.89 16.11
CA GLU A 132 -9.25 -3.25 15.08
C GLU A 132 -8.89 -2.05 14.21
N THR A 133 -9.85 -1.14 14.02
CA THR A 133 -9.53 0.08 13.29
C THR A 133 -8.58 0.97 14.08
N GLY A 134 -8.81 1.09 15.39
CA GLY A 134 -7.87 1.83 16.22
C GLY A 134 -6.48 1.25 16.16
N ARG A 135 -6.37 -0.09 16.13
CA ARG A 135 -5.09 -0.76 16.06
C ARG A 135 -4.29 -0.42 14.81
N ARG A 136 -4.92 0.09 13.76
CA ARG A 136 -4.15 0.56 12.61
C ARG A 136 -3.23 1.71 12.97
N HIS A 137 -3.56 2.45 14.01
CA HIS A 137 -2.87 3.69 14.37
C HIS A 137 -1.94 3.53 15.56
N GLY A 138 -2.01 2.42 16.28
CA GLY A 138 -1.16 2.22 17.46
C GLY A 138 -1.50 0.89 18.10
N ARG A 139 -0.57 0.41 18.94
CA ARG A 139 -0.82 -0.87 19.60
C ARG A 139 -1.76 -0.71 20.80
N GLU A 140 -1.60 0.37 21.57
CA GLU A 140 -2.41 0.55 22.78
C GLU A 140 -3.65 1.37 22.40
N VAL A 141 -4.80 0.70 22.34
CA VAL A 141 -6.01 1.33 21.84
C VAL A 141 -7.06 1.31 22.95
N VAL A 142 -8.00 2.24 22.85
CA VAL A 142 -9.13 2.29 23.77
C VAL A 142 -10.39 2.22 22.94
N LEU A 143 -11.41 1.65 23.56
CA LEU A 143 -12.74 1.60 22.99
C LEU A 143 -13.53 2.80 23.51
N LEU A 144 -13.94 3.69 22.60
CA LEU A 144 -14.87 4.76 22.94
C LEU A 144 -16.30 4.30 22.76
N VAL A 145 -17.11 4.50 23.80
CA VAL A 145 -18.53 4.18 23.75
C VAL A 145 -19.27 5.49 23.58
N ILE A 146 -20.11 5.55 22.56
CA ILE A 146 -20.73 6.79 22.14
C ILE A 146 -22.23 6.65 22.28
N ASP A 147 -22.84 7.61 22.96
CA ASP A 147 -24.28 7.63 23.19
C ASP A 147 -24.96 8.22 21.97
N ALA A 148 -25.64 7.38 21.19
CA ALA A 148 -26.26 7.86 19.97
C ALA A 148 -27.39 8.84 20.25
N GLU A 149 -28.10 8.67 21.35
CA GLU A 149 -29.24 9.58 21.62
C GLU A 149 -28.67 10.96 21.93
N CYS A 150 -27.56 11.01 22.66
CA CYS A 150 -26.86 12.29 22.96
C CYS A 150 -26.56 13.00 21.65
N LEU A 151 -25.99 12.29 20.67
CA LEU A 151 -25.65 12.90 19.37
C LEU A 151 -26.93 13.44 18.71
N ARG A 152 -27.95 12.60 18.60
CA ARG A 152 -29.15 13.02 17.90
C ARG A 152 -29.74 14.28 18.54
N LYS A 153 -29.85 14.27 19.88
CA LYS A 153 -30.34 15.45 20.60
C LYS A 153 -29.51 16.69 20.29
N ARG A 154 -28.20 16.53 20.09
CA ARG A 154 -27.36 17.68 19.79
C ARG A 154 -27.45 18.08 18.32
N GLY A 155 -28.29 17.40 17.54
CA GLY A 155 -28.44 17.72 16.13
C GLY A 155 -27.49 17.01 15.20
N PHE A 156 -26.81 15.97 15.66
CA PHE A 156 -25.84 15.23 14.86
C PHE A 156 -26.48 13.95 14.36
N LYS A 157 -26.93 13.97 13.11
CA LYS A 157 -27.53 12.79 12.51
C LYS A 157 -26.46 11.72 12.24
N ILE A 158 -26.80 10.47 12.56
CA ILE A 158 -25.95 9.30 12.32
C ILE A 158 -26.49 8.57 11.10
N TYR A 159 -25.62 8.30 10.12
CA TYR A 159 -26.02 7.69 8.86
C TYR A 159 -25.47 6.29 8.68
N LYS A 160 -26.29 5.41 8.09
CA LYS A 160 -26.03 4.00 7.74
C LYS A 160 -25.12 3.90 6.53
N ALA A 161 -23.81 3.98 6.73
CA ALA A 161 -22.86 4.01 5.64
C ALA A 161 -22.44 2.62 5.20
N GLY A 162 -22.15 1.73 6.15
CA GLY A 162 -21.82 0.37 5.83
C GLY A 162 -22.69 -0.58 6.63
N LYS A 163 -22.42 -1.89 6.53
CA LYS A 163 -23.17 -2.85 7.33
C LYS A 163 -23.04 -2.52 8.82
N ASN A 164 -21.81 -2.27 9.28
CA ASN A 164 -21.54 -1.85 10.66
C ASN A 164 -21.07 -0.40 10.76
N VAL A 165 -20.41 0.10 9.73
CA VAL A 165 -19.88 1.47 9.77
C VAL A 165 -21.03 2.46 9.76
N ARG A 166 -20.95 3.46 10.64
CA ARG A 166 -21.84 4.61 10.58
C ARG A 166 -20.98 5.86 10.48
N ILE A 167 -21.57 6.94 9.95
CA ILE A 167 -20.84 8.19 9.84
C ILE A 167 -21.62 9.28 10.56
N VAL A 168 -20.89 10.28 11.08
CA VAL A 168 -21.48 11.40 11.80
C VAL A 168 -20.52 12.57 11.66
N GLU A 169 -21.06 13.78 11.66
CA GLU A 169 -20.20 14.94 11.35
C GLU A 169 -19.08 15.10 12.38
N ARG A 170 -19.39 14.94 13.67
CA ARG A 170 -18.40 14.90 14.73
C ARG A 170 -19.09 14.36 15.97
N VAL A 171 -18.30 14.03 16.98
CA VAL A 171 -18.82 13.49 18.24
C VAL A 171 -18.34 14.37 19.37
N PRO A 172 -19.18 15.27 19.87
CA PRO A 172 -18.77 16.11 21.01
C PRO A 172 -18.43 15.25 22.20
N PRO A 173 -17.55 15.73 23.09
CA PRO A 173 -17.08 14.88 24.18
C PRO A 173 -18.17 14.46 25.17
N ASP A 174 -19.23 15.26 25.35
CA ASP A 174 -20.30 14.84 26.24
C ASP A 174 -20.93 13.54 25.76
N CYS A 175 -20.90 13.28 24.46
CA CYS A 175 -21.52 12.08 23.91
C CYS A 175 -20.62 10.86 23.98
N ILE A 176 -19.37 11.04 24.43
CA ILE A 176 -18.47 9.93 24.64
C ILE A 176 -18.65 9.52 26.09
N THR A 177 -19.42 8.46 26.30
CA THR A 177 -19.81 8.07 27.65
C THR A 177 -18.69 7.37 28.39
N LEU A 178 -17.88 6.59 27.69
CA LEU A 178 -16.84 5.78 28.31
C LEU A 178 -15.68 5.67 27.36
N ALA A 179 -14.47 5.59 27.92
CA ALA A 179 -13.29 5.18 27.18
C ALA A 179 -12.67 4.00 27.91
N VAL A 180 -12.68 2.83 27.26
CA VAL A 180 -12.30 1.54 27.87
C VAL A 180 -10.96 1.02 27.32
N LYS B 2 20.73 14.39 -16.50
CA LYS B 2 20.89 13.03 -15.97
C LYS B 2 21.53 12.99 -14.56
N PRO B 3 22.57 13.80 -14.31
CA PRO B 3 23.14 13.83 -12.95
C PRO B 3 22.15 14.29 -11.88
N GLU B 4 21.24 15.21 -12.20
CA GLU B 4 20.18 15.57 -11.27
C GLU B 4 19.23 14.39 -11.04
N ARG B 5 18.78 13.76 -12.11
CA ARG B 5 17.95 12.57 -11.99
C ARG B 5 18.64 11.51 -11.14
N LYS B 6 19.95 11.30 -11.35
CA LYS B 6 20.64 10.23 -10.63
C LYS B 6 20.73 10.50 -9.13
N ARG B 7 21.09 11.73 -8.74
CA ARG B 7 21.26 11.96 -7.31
C ARG B 7 19.92 11.97 -6.59
N VAL B 8 18.85 12.45 -7.24
CA VAL B 8 17.54 12.38 -6.60
C VAL B 8 17.07 10.94 -6.54
N SER B 9 17.29 10.19 -7.62
CA SER B 9 16.88 8.78 -7.63
C SER B 9 17.64 7.97 -6.58
N LYS B 10 18.93 8.23 -6.40
CA LYS B 10 19.68 7.57 -5.32
C LYS B 10 19.08 7.84 -3.95
N LEU B 11 18.64 9.07 -3.71
CA LEU B 11 18.05 9.36 -2.42
C LEU B 11 16.67 8.71 -2.30
N MET B 12 15.90 8.69 -3.40
CA MET B 12 14.62 7.98 -3.33
C MET B 12 14.81 6.51 -2.98
N ALA B 13 15.83 5.87 -3.54
CA ALA B 13 16.04 4.46 -3.25
C ALA B 13 16.40 4.26 -1.79
N TYR B 14 17.24 5.14 -1.23
CA TYR B 14 17.56 5.05 0.20
C TYR B 14 16.30 5.23 1.04
N ILE B 15 15.50 6.24 0.72
CA ILE B 15 14.31 6.50 1.52
C ILE B 15 13.31 5.36 1.41
N LEU B 16 13.10 4.85 0.20
CA LEU B 16 12.02 3.89 -0.05
C LEU B 16 12.43 2.46 0.22
N ARG B 17 13.74 2.16 0.26
CA ARG B 17 14.20 0.80 0.53
C ARG B 17 14.72 0.60 1.95
N HIS B 18 15.22 1.64 2.60
CA HIS B 18 16.04 1.42 3.79
C HIS B 18 15.57 2.21 5.00
N SER B 19 15.49 3.53 4.90
CA SER B 19 15.29 4.37 6.09
C SER B 19 14.24 5.46 5.88
N PRO B 20 13.01 5.07 5.54
CA PRO B 20 11.96 6.10 5.44
C PRO B 20 11.72 6.80 6.76
N GLU B 21 11.86 6.09 7.89
CA GLU B 21 11.51 6.68 9.18
C GLU B 21 12.45 7.81 9.55
N GLU B 22 13.70 7.75 9.07
CA GLU B 22 14.63 8.86 9.28
C GLU B 22 14.09 10.17 8.74
N PHE B 23 13.23 10.12 7.73
CA PHE B 23 12.63 11.29 7.13
C PHE B 23 11.21 11.52 7.62
N GLY B 24 10.79 10.81 8.66
CA GLY B 24 9.43 10.94 9.12
C GLY B 24 8.39 10.30 8.22
N LEU B 25 8.77 9.32 7.42
CA LEU B 25 7.83 8.61 6.56
C LEU B 25 7.58 7.23 7.15
N ARG B 26 6.34 6.78 7.11
CA ARG B 26 5.97 5.49 7.69
C ARG B 26 5.28 4.67 6.60
N PRO B 27 6.00 3.77 5.92
CA PRO B 27 5.38 3.06 4.80
C PRO B 27 4.27 2.16 5.27
N ASP B 28 3.31 1.92 4.39
CA ASP B 28 2.28 0.93 4.69
C ASP B 28 2.85 -0.48 4.50
N VAL B 29 2.01 -1.50 4.72
CA VAL B 29 2.49 -2.88 4.72
C VAL B 29 3.05 -3.25 3.36
N GLU B 30 2.59 -2.60 2.30
CA GLU B 30 3.02 -2.86 0.94
C GLU B 30 4.23 -2.02 0.52
N GLY B 31 4.80 -1.22 1.42
CA GLY B 31 5.98 -0.43 1.14
C GLY B 31 5.71 0.94 0.55
N PHE B 32 4.43 1.33 0.43
CA PHE B 32 4.10 2.61 -0.15
C PHE B 32 4.18 3.74 0.87
N VAL B 33 4.61 4.90 0.39
CA VAL B 33 4.50 6.14 1.14
C VAL B 33 3.76 7.15 0.27
N SER B 34 3.33 8.22 0.93
CA SER B 34 2.70 9.31 0.20
C SER B 34 3.72 9.94 -0.71
N LEU B 35 3.35 10.13 -1.98
CA LEU B 35 4.21 10.82 -2.93
C LEU B 35 4.52 12.24 -2.48
N ASN B 36 3.52 12.93 -1.92
CA ASN B 36 3.79 14.30 -1.47
C ASN B 36 4.75 14.30 -0.30
N GLU B 37 4.60 13.33 0.60
CA GLU B 37 5.53 13.22 1.72
C GLU B 37 6.95 12.88 1.23
N LEU B 38 7.07 11.99 0.24
CA LEU B 38 8.38 11.72 -0.33
C LEU B 38 9.00 12.97 -0.93
N VAL B 39 8.22 13.75 -1.67
CA VAL B 39 8.77 14.97 -2.26
C VAL B 39 9.35 15.86 -1.17
N ASN B 40 8.61 16.03 -0.08
CA ASN B 40 9.08 16.88 0.99
C ASN B 40 10.34 16.31 1.63
N ALA B 41 10.42 14.99 1.74
CA ALA B 41 11.63 14.37 2.30
C ALA B 41 12.82 14.59 1.39
N LEU B 42 12.60 14.41 0.07
CA LEU B 42 13.67 14.69 -0.88
C LEU B 42 14.12 16.13 -0.77
N LYS B 43 13.18 17.05 -0.57
CA LYS B 43 13.53 18.46 -0.53
C LYS B 43 14.38 18.83 0.68
N THR B 44 14.39 18.03 1.74
CA THR B 44 15.29 18.32 2.86
C THR B 44 16.74 18.20 2.43
N VAL B 45 17.00 17.50 1.34
CA VAL B 45 18.35 17.38 0.80
C VAL B 45 18.52 18.13 -0.50
N TYR B 46 17.53 18.04 -1.39
CA TYR B 46 17.55 18.66 -2.72
C TYR B 46 16.32 19.54 -2.84
N PRO B 47 16.39 20.79 -2.38
CA PRO B 47 15.17 21.63 -2.31
C PRO B 47 14.48 21.88 -3.65
N GLU B 48 15.17 21.69 -4.78
CA GLU B 48 14.60 21.93 -6.09
C GLU B 48 13.64 20.83 -6.53
N VAL B 49 13.56 19.72 -5.79
CA VAL B 49 12.75 18.61 -6.25
C VAL B 49 11.27 18.96 -6.19
N THR B 50 10.54 18.57 -7.24
CA THR B 50 9.09 18.75 -7.32
C THR B 50 8.44 17.38 -7.53
N GLU B 51 7.14 17.33 -7.27
CA GLU B 51 6.40 16.10 -7.56
C GLU B 51 6.47 15.76 -9.05
N GLU B 52 6.41 16.76 -9.93
CA GLU B 52 6.53 16.49 -11.38
C GLU B 52 7.84 15.79 -11.70
N PHE B 53 8.94 16.25 -11.08
CA PHE B 53 10.24 15.64 -11.33
C PHE B 53 10.30 14.20 -10.83
N VAL B 54 9.69 13.91 -9.66
CA VAL B 54 9.72 12.54 -9.17
C VAL B 54 8.92 11.65 -10.10
N ARG B 55 7.78 12.14 -10.59
CA ARG B 55 7.00 11.38 -11.57
C ARG B 55 7.82 11.10 -12.82
N GLU B 56 8.63 12.06 -13.26
CA GLU B 56 9.48 11.84 -14.42
C GLU B 56 10.56 10.80 -14.12
N ILE B 57 11.18 10.88 -12.95
CA ILE B 57 12.15 9.84 -12.55
C ILE B 57 11.49 8.47 -12.62
N VAL B 58 10.30 8.32 -12.02
CA VAL B 58 9.67 7.01 -11.98
C VAL B 58 9.33 6.52 -13.38
N GLU B 59 8.70 7.39 -14.20
CA GLU B 59 8.32 7.02 -15.55
C GLU B 59 9.51 6.59 -16.39
N ASN B 60 10.64 7.28 -16.27
CA ASN B 60 11.76 7.02 -17.16
C ASN B 60 12.85 6.15 -16.56
N ASP B 61 12.63 5.57 -15.39
CA ASP B 61 13.71 4.82 -14.74
C ASP B 61 14.04 3.59 -15.57
N PRO B 62 15.31 3.38 -15.95
CA PRO B 62 15.62 2.30 -16.91
C PRO B 62 15.49 0.91 -16.31
N ALA B 63 15.62 0.78 -14.98
CA ALA B 63 15.58 -0.51 -14.31
C ALA B 63 14.22 -0.87 -13.76
N GLY B 64 13.27 0.07 -13.77
CA GLY B 64 11.98 -0.21 -13.17
C GLY B 64 12.06 -0.26 -11.66
N ARG B 65 12.83 0.66 -11.07
CA ARG B 65 13.04 0.63 -9.62
C ARG B 65 11.79 0.98 -8.82
N TYR B 66 10.90 1.81 -9.38
CA TYR B 66 9.85 2.42 -8.57
C TYR B 66 8.49 2.18 -9.16
N GLU B 67 7.49 2.42 -8.33
CA GLU B 67 6.11 2.23 -8.76
C GLU B 67 5.25 3.31 -8.12
N ILE B 68 4.46 4.03 -8.91
CA ILE B 68 3.50 4.98 -8.39
C ILE B 68 2.08 4.45 -8.63
N ARG B 69 1.27 4.41 -7.58
CA ARG B 69 -0.17 4.19 -7.71
C ARG B 69 -0.87 5.43 -7.16
N GLY B 70 -1.51 6.20 -8.04
CA GLY B 70 -2.19 7.38 -7.55
C GLY B 70 -1.19 8.38 -7.04
N ASP B 71 -1.23 8.68 -5.75
CA ASP B 71 -0.22 9.53 -5.16
C ASP B 71 0.51 8.78 -4.08
N ARG B 72 0.66 7.46 -4.26
CA ARG B 72 1.48 6.62 -3.41
C ARG B 72 2.66 6.13 -4.24
N ILE B 73 3.79 5.89 -3.59
CA ILE B 73 4.98 5.49 -4.32
C ILE B 73 5.76 4.51 -3.46
N ARG B 74 6.39 3.53 -4.11
CA ARG B 74 7.23 2.58 -3.39
C ARG B 74 8.40 2.20 -4.27
N ALA B 75 9.43 1.67 -3.64
CA ALA B 75 10.45 0.93 -4.37
C ALA B 75 9.89 -0.47 -4.63
N ARG B 76 10.20 -1.03 -5.80
CA ARG B 76 9.68 -2.34 -6.16
C ARG B 76 10.54 -3.48 -5.64
N TYR B 77 11.74 -3.18 -5.17
CA TYR B 77 12.64 -4.22 -4.66
C TYR B 77 13.75 -3.54 -3.88
N GLY B 78 14.64 -4.33 -3.31
CA GLY B 78 15.78 -3.79 -2.60
C GLY B 78 15.57 -3.50 -1.13
N HIS B 79 14.35 -3.67 -0.61
CA HIS B 79 14.04 -3.26 0.74
C HIS B 79 14.83 -4.04 1.77
N SER B 80 15.18 -3.35 2.85
CA SER B 80 15.75 -3.98 4.04
C SER B 80 14.81 -3.89 5.23
N PHE B 81 13.53 -3.68 4.99
CA PHE B 81 12.49 -3.77 6.01
C PHE B 81 11.33 -4.56 5.42
N PRO B 82 10.52 -5.20 6.26
CA PRO B 82 9.44 -6.08 5.75
C PRO B 82 8.42 -5.34 4.88
N VAL B 83 8.13 -5.94 3.72
CA VAL B 83 7.15 -5.40 2.78
C VAL B 83 6.35 -6.58 2.22
N SER B 84 5.09 -6.32 1.89
CA SER B 84 4.24 -7.30 1.21
C SER B 84 4.10 -6.84 -0.23
N LEU B 85 4.94 -7.38 -1.11
CA LEU B 85 4.90 -6.99 -2.50
C LEU B 85 3.93 -7.90 -3.22
N ASP B 86 3.24 -7.36 -4.20
CA ASP B 86 2.21 -8.15 -4.87
C ASP B 86 2.60 -8.39 -6.32
N HIS B 87 3.89 -8.61 -6.55
CA HIS B 87 4.40 -8.63 -7.92
C HIS B 87 3.93 -9.89 -8.62
N GLU B 88 3.82 -9.78 -9.94
CA GLU B 88 3.52 -10.94 -10.75
C GLU B 88 4.71 -11.89 -10.75
N GLU B 89 4.42 -13.19 -10.90
CA GLU B 89 5.48 -14.18 -10.91
C GLU B 89 6.10 -14.30 -12.30
N ASP B 90 7.41 -14.53 -12.33
CA ASP B 90 8.14 -14.72 -13.57
C ASP B 90 8.13 -16.21 -13.83
N THR B 91 7.30 -16.66 -14.77
CA THR B 91 7.36 -18.05 -15.16
C THR B 91 8.03 -18.22 -16.51
N GLU B 92 8.58 -17.14 -17.09
CA GLU B 92 9.17 -17.19 -18.43
C GLU B 92 10.67 -17.47 -18.43
N SER B 93 11.42 -16.90 -17.49
CA SER B 93 12.88 -17.02 -17.53
C SER B 93 13.29 -18.46 -17.32
N ARG B 94 14.26 -18.93 -18.12
CA ARG B 94 14.84 -20.24 -17.89
C ARG B 94 16.05 -20.18 -16.98
N PHE B 95 16.91 -19.18 -17.16
CA PHE B 95 18.08 -19.02 -16.31
C PHE B 95 18.12 -17.61 -15.78
N LEU B 96 18.57 -17.46 -14.54
CA LEU B 96 18.77 -16.18 -13.92
C LEU B 96 20.21 -16.11 -13.43
N TYR B 97 20.66 -14.91 -13.13
CA TYR B 97 22.07 -14.67 -12.83
C TYR B 97 22.23 -13.90 -11.53
N HIS B 98 23.33 -14.17 -10.86
CA HIS B 98 23.62 -13.46 -9.62
C HIS B 98 25.13 -13.35 -9.55
N GLY B 99 25.62 -12.12 -9.38
CA GLY B 99 27.06 -11.90 -9.30
C GLY B 99 27.40 -11.71 -7.83
N THR B 100 28.51 -12.32 -7.39
CA THR B 100 28.89 -12.18 -5.99
C THR B 100 30.40 -12.28 -5.88
N PRO B 101 31.00 -11.61 -4.90
CA PRO B 101 32.42 -11.85 -4.61
C PRO B 101 32.75 -13.33 -4.50
N ARG B 102 33.82 -13.74 -5.19
CA ARG B 102 34.25 -15.12 -5.17
C ARG B 102 34.49 -15.62 -3.75
N ARG B 103 34.86 -14.72 -2.84
CA ARG B 103 35.09 -15.12 -1.47
C ARG B 103 33.86 -15.73 -0.82
N ASN B 104 32.67 -15.44 -1.38
CA ASN B 104 31.42 -15.96 -0.83
C ASN B 104 31.09 -17.35 -1.32
N LEU B 105 31.82 -17.87 -2.29
CA LEU B 105 31.36 -19.11 -2.94
C LEU B 105 31.31 -20.29 -1.96
N PRO B 106 32.28 -20.50 -1.06
CA PRO B 106 32.12 -21.64 -0.14
C PRO B 106 30.86 -21.57 0.71
N SER B 107 30.53 -20.40 1.26
CA SER B 107 29.28 -20.26 2.00
C SER B 107 28.07 -20.50 1.10
N ILE B 108 28.09 -19.97 -0.11
CA ILE B 108 26.92 -20.08 -0.97
C ILE B 108 26.72 -21.52 -1.42
N LEU B 109 27.80 -22.25 -1.68
CA LEU B 109 27.60 -23.62 -2.13
C LEU B 109 27.09 -24.49 -1.00
N LYS B 110 27.32 -24.07 0.25
CA LYS B 110 26.75 -24.79 1.40
C LYS B 110 25.33 -24.39 1.68
N GLU B 111 25.02 -23.09 1.65
CA GLU B 111 23.75 -22.57 2.15
C GLU B 111 22.83 -22.04 1.07
N GLY B 112 23.31 -21.92 -0.17
CA GLY B 112 22.58 -21.20 -1.19
C GLY B 112 22.70 -19.70 -0.98
N LEU B 113 22.04 -18.95 -1.87
CA LEU B 113 21.91 -17.52 -1.69
C LEU B 113 20.87 -17.22 -0.63
N LYS B 114 21.21 -16.32 0.26
CA LYS B 114 20.32 -15.89 1.33
C LYS B 114 20.07 -14.40 1.20
N PRO B 115 18.94 -13.92 1.71
CA PRO B 115 18.60 -12.50 1.54
C PRO B 115 19.51 -11.55 2.32
N MET B 116 20.20 -12.00 3.37
CA MET B 116 21.17 -11.20 4.12
C MET B 116 20.41 -10.06 4.77
N LYS B 117 20.77 -8.79 4.55
CA LYS B 117 20.04 -7.69 5.20
C LYS B 117 18.74 -7.36 4.51
N ARG B 118 18.51 -7.91 3.32
CA ARG B 118 17.33 -7.57 2.54
C ARG B 118 16.21 -8.56 2.82
N GLN B 119 15.03 -8.24 2.31
CA GLN B 119 13.91 -9.18 2.43
C GLN B 119 14.01 -10.34 1.45
N TYR B 120 14.57 -10.11 0.27
CA TYR B 120 14.65 -11.09 -0.81
C TYR B 120 16.07 -11.21 -1.34
N VAL B 121 16.37 -12.36 -1.93
CA VAL B 121 17.53 -12.50 -2.80
C VAL B 121 17.21 -11.84 -4.13
N HIS B 122 18.13 -11.04 -4.65
CA HIS B 122 17.93 -10.38 -5.93
C HIS B 122 18.78 -11.06 -6.98
N VAL B 123 18.17 -11.36 -8.12
CA VAL B 123 18.89 -11.95 -9.26
C VAL B 123 18.54 -11.15 -10.50
N SER B 124 19.16 -11.48 -11.62
CA SER B 124 18.93 -10.70 -12.84
C SER B 124 18.74 -11.62 -14.02
N THR B 125 17.95 -11.18 -15.00
CA THR B 125 17.96 -11.80 -16.31
C THR B 125 19.18 -11.42 -17.15
N ASP B 126 20.01 -10.47 -16.70
CA ASP B 126 21.12 -9.94 -17.49
C ASP B 126 22.46 -10.26 -16.83
N LYS B 127 23.36 -10.90 -17.58
CA LYS B 127 24.65 -11.29 -17.00
C LYS B 127 25.49 -10.09 -16.58
N ILE B 128 25.57 -9.06 -17.43
CA ILE B 128 26.45 -7.93 -17.13
C ILE B 128 25.98 -7.22 -15.86
N GLU B 129 24.68 -6.98 -15.77
CA GLU B 129 24.15 -6.28 -14.61
C GLU B 129 24.33 -7.10 -13.34
N ALA B 130 24.19 -8.43 -13.45
CA ALA B 130 24.45 -9.28 -12.28
C ALA B 130 25.89 -9.17 -11.81
N LEU B 131 26.84 -9.16 -12.74
CA LEU B 131 28.24 -9.01 -12.36
C LEU B 131 28.53 -7.61 -11.82
N GLU B 132 27.91 -6.58 -12.42
CA GLU B 132 28.12 -5.22 -11.94
C GLU B 132 27.65 -5.08 -10.50
N THR B 133 26.52 -5.71 -10.17
CA THR B 133 26.06 -5.74 -8.79
C THR B 133 27.07 -6.42 -7.88
N GLY B 134 27.57 -7.58 -8.29
CA GLY B 134 28.53 -8.27 -7.45
C GLY B 134 29.77 -7.43 -7.22
N ARG B 135 30.16 -6.63 -8.22
CA ARG B 135 31.35 -5.78 -8.15
C ARG B 135 31.24 -4.72 -7.07
N ARG B 136 30.03 -4.34 -6.68
CA ARG B 136 29.91 -3.44 -5.55
C ARG B 136 30.48 -4.02 -4.28
N HIS B 137 30.62 -5.33 -4.21
CA HIS B 137 31.04 -5.98 -2.97
C HIS B 137 32.48 -6.48 -3.00
N GLY B 138 33.13 -6.45 -4.15
CA GLY B 138 34.51 -6.87 -4.23
C GLY B 138 34.98 -6.81 -5.66
N ARG B 139 36.30 -6.94 -5.82
CA ARG B 139 36.90 -6.87 -7.14
C ARG B 139 36.90 -8.22 -7.84
N GLU B 140 36.94 -9.31 -7.08
CA GLU B 140 36.98 -10.66 -7.65
C GLU B 140 35.58 -11.26 -7.49
N VAL B 141 34.84 -11.31 -8.61
CA VAL B 141 33.42 -11.69 -8.62
C VAL B 141 33.23 -12.97 -9.42
N VAL B 142 32.27 -13.78 -9.00
CA VAL B 142 31.85 -14.98 -9.75
C VAL B 142 30.44 -14.75 -10.25
N LEU B 143 30.17 -15.26 -11.44
CA LEU B 143 28.83 -15.26 -12.02
C LEU B 143 28.15 -16.57 -11.64
N LEU B 144 27.07 -16.49 -10.90
CA LEU B 144 26.24 -17.66 -10.62
C LEU B 144 25.10 -17.74 -11.63
N VAL B 145 24.93 -18.92 -12.24
CA VAL B 145 23.82 -19.19 -13.13
C VAL B 145 22.83 -20.06 -12.36
N ILE B 146 21.57 -19.67 -12.39
CA ILE B 146 20.53 -20.26 -11.56
C ILE B 146 19.48 -20.83 -12.48
N ASP B 147 19.15 -22.10 -12.28
CA ASP B 147 18.10 -22.76 -13.06
C ASP B 147 16.76 -22.32 -12.48
N ALA B 148 16.04 -21.49 -13.22
CA ALA B 148 14.80 -20.94 -12.70
C ALA B 148 13.74 -22.03 -12.56
N GLU B 149 13.69 -23.00 -13.46
CA GLU B 149 12.67 -24.07 -13.33
C GLU B 149 12.96 -24.90 -12.06
N CYS B 150 14.24 -25.15 -11.77
CA CYS B 150 14.60 -25.82 -10.49
C CYS B 150 13.98 -25.08 -9.30
N LEU B 151 14.13 -23.76 -9.29
CA LEU B 151 13.59 -22.94 -8.19
C LEU B 151 12.07 -23.13 -8.12
N ARG B 152 11.42 -22.98 -9.26
CA ARG B 152 9.98 -23.11 -9.29
C ARG B 152 9.55 -24.48 -8.81
N LYS B 153 10.24 -25.54 -9.27
CA LYS B 153 9.86 -26.88 -8.89
C LYS B 153 10.01 -27.10 -7.40
N ARG B 154 10.97 -26.43 -6.78
CA ARG B 154 11.17 -26.54 -5.34
C ARG B 154 10.27 -25.62 -4.54
N GLY B 155 9.38 -24.89 -5.20
CA GLY B 155 8.41 -24.10 -4.50
C GLY B 155 8.81 -22.67 -4.25
N PHE B 156 9.89 -22.21 -4.84
CA PHE B 156 10.36 -20.84 -4.64
C PHE B 156 9.81 -20.01 -5.79
N LYS B 157 8.89 -19.10 -5.47
CA LYS B 157 8.31 -18.23 -6.48
C LYS B 157 9.31 -17.15 -6.86
N ILE B 158 9.47 -16.92 -8.16
CA ILE B 158 10.30 -15.87 -8.70
C ILE B 158 9.41 -14.71 -9.12
N TYR B 159 9.67 -13.52 -8.60
CA TYR B 159 8.79 -12.39 -8.87
C TYR B 159 9.46 -11.37 -9.79
N LYS B 160 8.62 -10.74 -10.61
CA LYS B 160 9.00 -9.74 -11.59
C LYS B 160 9.09 -8.38 -10.91
N ALA B 161 10.28 -8.05 -10.43
CA ALA B 161 10.52 -6.88 -9.59
C ALA B 161 10.94 -5.65 -10.39
N GLY B 162 11.88 -5.81 -11.32
CA GLY B 162 12.33 -4.71 -12.14
C GLY B 162 12.37 -5.17 -13.60
N LYS B 163 12.92 -4.33 -14.48
CA LYS B 163 13.01 -4.73 -15.89
C LYS B 163 13.81 -6.03 -16.04
N ASN B 164 15.00 -6.08 -15.44
CA ASN B 164 15.83 -7.29 -15.39
C ASN B 164 15.90 -7.91 -14.00
N VAL B 165 15.65 -7.14 -12.95
CA VAL B 165 15.78 -7.67 -11.60
C VAL B 165 14.61 -8.60 -11.31
N ARG B 166 14.91 -9.75 -10.69
CA ARG B 166 13.91 -10.65 -10.14
C ARG B 166 14.23 -10.88 -8.68
N ILE B 167 13.20 -11.19 -7.89
CA ILE B 167 13.42 -11.47 -6.49
C ILE B 167 12.84 -12.83 -6.15
N VAL B 168 13.48 -13.48 -5.19
CA VAL B 168 13.07 -14.81 -4.73
C VAL B 168 13.44 -14.92 -3.27
N GLU B 169 12.67 -15.71 -2.52
CA GLU B 169 12.91 -15.81 -1.08
C GLU B 169 14.37 -16.18 -0.77
N ARG B 170 14.88 -17.18 -1.47
CA ARG B 170 16.27 -17.64 -1.35
C ARG B 170 16.51 -18.52 -2.57
N VAL B 171 17.79 -18.89 -2.75
CA VAL B 171 18.14 -19.79 -3.84
C VAL B 171 18.91 -20.96 -3.23
N PRO B 172 18.29 -22.13 -3.06
CA PRO B 172 19.05 -23.29 -2.59
C PRO B 172 20.22 -23.56 -3.51
N PRO B 173 21.32 -24.11 -2.97
CA PRO B 173 22.49 -24.34 -3.83
C PRO B 173 22.21 -25.36 -4.92
N ASP B 174 21.21 -26.22 -4.70
CA ASP B 174 20.79 -27.21 -5.71
C ASP B 174 20.46 -26.55 -7.04
N CYS B 175 20.00 -25.30 -6.99
CA CYS B 175 19.49 -24.63 -8.18
C CYS B 175 20.55 -23.79 -8.88
N ILE B 176 21.78 -23.77 -8.36
CA ILE B 176 22.88 -23.08 -9.00
C ILE B 176 23.55 -24.06 -9.95
N THR B 177 23.53 -23.76 -11.25
CA THR B 177 24.05 -24.72 -12.20
C THR B 177 25.51 -24.48 -12.55
N LEU B 178 26.00 -23.26 -12.37
CA LEU B 178 27.31 -22.85 -12.84
C LEU B 178 27.82 -21.75 -11.94
N ALA B 179 29.12 -21.77 -11.67
CA ALA B 179 29.79 -20.70 -10.95
C ALA B 179 31.05 -20.39 -11.73
N VAL B 180 31.10 -19.24 -12.41
CA VAL B 180 32.26 -18.94 -13.23
C VAL B 180 32.88 -17.57 -12.88
C1 GOL C . -5.67 -2.44 24.12
O1 GOL C . -4.75 -2.12 23.11
C2 GOL C . -6.05 -3.96 23.95
O2 GOL C . -6.79 -4.40 25.02
C3 GOL C . -6.83 -4.03 22.63
O3 GOL C . -7.14 -5.37 22.42
N1 AR6 D . -7.81 14.55 18.29
C2 AR6 D . -6.95 13.61 17.91
N3 AR6 D . -7.18 12.48 17.24
C4 AR6 D . -8.48 12.38 16.92
C5 AR6 D . -9.48 13.28 17.23
C6 AR6 D . -9.12 14.43 17.96
N6 AR6 D . -9.98 15.37 18.35
N7 AR6 D . -10.69 12.82 16.75
C8 AR6 D . -10.41 11.67 16.17
N9 AR6 D . -9.08 11.36 16.24
PA AR6 D . -8.73 7.93 10.28
PB AR6 D . -10.41 5.97 11.69
C1' AR6 D . -8.39 10.18 15.71
O1A AR6 D . -9.19 9.14 9.53
O1B AR6 D . -11.68 6.20 12.43
C1D AR6 D . -13.87 3.19 7.61
O1D AR6 D . -13.52 1.87 7.37
C2' AR6 D . -9.31 9.00 15.42
O2' AR6 D . -9.71 8.36 16.62
O2A AR6 D . -8.02 6.81 9.58
O2B AR6 D . -9.23 5.43 12.43
C2D AR6 D . -12.94 4.04 6.75
O2D AR6 D . -12.78 3.57 5.43
C3' AR6 D . -8.39 8.18 14.52
O3' AR6 D . -7.43 7.39 15.22
O3A AR6 D . -10.05 7.36 10.98
C3D AR6 D . -11.63 3.98 7.55
O3D AR6 D . -10.79 2.88 7.23
C4' AR6 D . -7.70 9.28 13.70
O4' AR6 D . -7.83 10.50 14.47
C4D AR6 D . -12.14 3.88 8.99
O4D AR6 D . -13.55 3.55 8.94
C5' AR6 D . -8.28 9.51 12.32
O5' AR6 D . -7.82 8.42 11.50
C5D AR6 D . -11.95 5.13 9.81
O5D AR6 D . -10.67 5.01 10.45
N1 A1EJC E . -10.81 -5.94 1.59
N3 A1EJC E . -11.32 -3.92 0.59
C4 A1EJC E . -11.16 -2.60 0.53
C6 A1EJC E . -9.82 -2.50 2.28
C7 A1EJC E . -9.90 -3.88 2.46
C13 A1EJC E . -6.89 0.57 4.41
C20 A1EJC E . -8.22 1.09 4.94
C26 A1EJC E . -9.14 -0.10 4.83
C11 A1EJC E . -8.65 -0.64 3.49
C14 A1EJC E . -5.91 0.10 5.45
C2 A1EJC E . -10.68 -4.61 1.56
C9 A1EJC E . -8.63 -3.13 4.00
N10 A1EJC E . -9.01 -2.04 3.27
N5 A1EJC E . -10.44 -1.80 1.33
N8 A1EJC E . -9.13 -4.25 3.56
O12 A1EJC E . -7.24 -0.52 3.54
O15 A1EJC E . -6.60 -0.82 6.30
O17 A1EJC E . -6.80 -2.84 7.75
O18 A1EJC E . -4.69 -1.43 7.74
O19 A1EJC E . -5.25 -2.89 5.75
O21 A1EJC E . -8.82 2.09 4.10
O23 A1EJC E . -7.04 3.95 4.16
O24 A1EJC E . -8.82 3.82 5.92
O25 A1EJC E . -9.44 4.38 3.54
O27 A1EJC E . -10.53 0.21 4.68
O29 A1EJC E . -12.93 -0.36 4.80
O30 A1EJC E . -11.63 -0.04 6.94
O31 A1EJC E . -11.22 -2.07 5.49
P16 A1EJC E . -5.79 -2.08 6.92
P22 A1EJC E . -8.49 3.64 4.46
P28 A1EJC E . -11.65 -0.62 5.53
C1 GOL F . -2.84 1.35 -3.50
O1 GOL F . -2.72 -0.05 -3.44
C2 GOL F . -2.56 1.95 -2.06
O2 GOL F . -3.03 1.15 -1.04
C3 GOL F . -1.03 2.19 -2.00
O3 GOL F . -0.69 2.34 -0.65
N1 A1EJC G . 20.17 5.95 -10.65
N3 A1EJC G . 18.65 5.46 -8.97
C4 A1EJC G . 18.39 4.88 -7.79
C6 A1EJC G . 20.43 4.10 -7.53
C7 A1EJC G . 20.84 4.64 -8.73
C13 A1EJC G . 23.04 1.96 -4.17
C20 A1EJC G . 22.11 0.83 -4.60
C26 A1EJC G . 21.69 1.23 -5.99
C11 A1EJC G . 21.52 2.71 -5.76
C14 A1EJC G . 24.51 1.72 -4.33
C2 A1EJC G . 19.90 5.36 -9.48
C9 A1EJC G . 22.54 3.68 -7.88
N10 A1EJC G . 21.52 3.49 -6.99
N5 A1EJC G . 19.20 4.19 -7.00
N8 A1EJC G . 22.19 4.37 -8.94
O12 A1EJC G . 22.63 3.10 -4.96
O15 A1EJC G . 24.76 1.25 -5.67
O17 A1EJC G . 27.27 1.20 -5.80
O18 A1EJC G . 25.86 1.27 -7.90
O19 A1EJC G . 26.04 3.30 -6.42
O21 A1EJC G . 20.94 0.73 -3.77
O23 A1EJC G . 21.84 0.70 -1.40
O24 A1EJC G . 21.66 -1.44 -2.74
O25 A1EJC G . 19.58 -0.24 -1.99
O27 A1EJC G . 20.41 0.71 -6.45
O29 A1EJC G . 18.79 -0.17 -8.10
O30 A1EJC G . 20.94 -1.42 -7.71
O31 A1EJC G . 20.97 0.82 -8.88
P16 A1EJC G . 26.07 1.79 -6.48
P22 A1EJC G . 21.02 -0.12 -2.38
P28 A1EJC G . 20.28 -0.07 -7.87
N1 AR6 H . 26.96 -16.39 2.21
C2 AR6 H . 27.65 -15.28 1.94
N3 AR6 H . 27.30 -14.25 1.17
C4 AR6 H . 26.09 -14.45 0.63
C5 AR6 H . 25.27 -15.55 0.80
C6 AR6 H . 25.74 -16.58 1.64
N6 AR6 H . 25.07 -17.69 1.90
N7 AR6 H . 24.10 -15.39 0.07
C8 AR6 H . 24.22 -14.22 -0.52
N9 AR6 H . 25.42 -13.62 -0.24
PA AR6 H . 23.10 -7.16 -1.00
PB AR6 H . 23.01 -7.85 -3.88
C1' AR6 H . 25.90 -12.33 -0.73
O1A AR6 H . 22.05 -7.37 0.07
O1B AR6 H . 22.39 -9.01 -4.57
C1D AR6 H . 18.88 -4.48 -6.70
O1D AR6 H . 19.44 -3.41 -7.38
C2' AR6 H . 25.27 -11.84 -2.03
O2' AR6 H . 25.75 -12.54 -3.17
O2A AR6 H . 23.55 -5.77 -1.32
O2B AR6 H . 24.49 -7.67 -4.02
C2D AR6 H . 18.69 -4.03 -5.25
O2D AR6 H . 18.00 -2.81 -5.09
C3' AR6 H . 25.73 -10.38 -1.98
O3' AR6 H . 27.08 -10.19 -2.39
O3A AR6 H . 22.59 -7.90 -2.32
C3D AR6 H . 20.14 -4.00 -4.78
O3D AR6 H . 20.83 -2.82 -5.16
C4' AR6 H . 25.53 -10.06 -0.48
O4' AR6 H . 25.54 -11.34 0.21
C4D AR6 H . 20.72 -5.22 -5.50
O4D AR6 H . 19.83 -5.53 -6.60
C5' AR6 H . 24.24 -9.36 -0.16
O5' AR6 H . 24.39 -8.01 -0.61
C5D AR6 H . 20.92 -6.44 -4.64
O5D AR6 H . 22.32 -6.51 -4.38
#